data_3ZYO
#
_entry.id   3ZYO
#
_cell.length_a   131.330
_cell.length_b   131.330
_cell.length_c   174.870
_cell.angle_alpha   90.00
_cell.angle_beta   90.00
_cell.angle_gamma   120.00
#
_symmetry.space_group_name_H-M   'H 3 2'
#
loop_
_entity.id
_entity.type
_entity.pdbx_description
1 polymer 'LEUCINE-RICH REPEAT-CONTAINING PROTEIN 4B'
2 non-polymer 'ZINC ION'
3 non-polymer 2-acetamido-2-deoxy-beta-D-glucopyranose
#
_entity_poly.entity_id   1
_entity_poly.type   'polypeptide(L)'
_entity_poly.pdbx_seq_one_letter_code
;ETGTSCPAACSCSNQASRVICTRRELAEVPASIPVNTRYLNLQENSIQVIRTDTFKHLRHLEILQLSKNLVRKIEVGAFN
GLPSLNTLELFDNRLTTVPTQAFEYLSKLRELWLRNNPIESIPSYAFNRVPSLRRLDLGELKRLEYISEAAFEGLVNLRY
LNLGMCNLKDIPNLTALVRLEELELSGNRLDLIRPGSFQGLTSLRKLWLMHAQVATIERNAFDDLKSLEELNLSHNNLMS
LPHDLFTPLHRLERVHLNHNPWHCNCDVLWLSWWLKETVPSNTTCCARCHAPAGLKGRYIGELDQSHFTCYAPVIVEPPT
DLNVTEGMAAELKCRTGTSMTSVNWLTPNGTLMTHGSYRVRISVLHDGTLNFTNVTVQDTGQYTCMVTNSAGNTTASATL
NVGTKHHHHHH
;
_entity_poly.pdbx_strand_id   A
#
# COMPACT_ATOMS: atom_id res chain seq x y z
N SER A 5 -14.37 -7.03 -43.76
CA SER A 5 -14.48 -5.67 -44.36
C SER A 5 -13.86 -4.63 -43.43
N CYS A 6 -12.70 -4.10 -43.84
CA CYS A 6 -11.95 -3.14 -43.03
C CYS A 6 -12.57 -1.74 -43.14
N PRO A 7 -12.64 -0.98 -42.02
CA PRO A 7 -13.17 0.39 -42.07
C PRO A 7 -12.28 1.37 -42.84
N ALA A 8 -12.74 2.63 -42.93
CA ALA A 8 -12.09 3.64 -43.75
C ALA A 8 -10.70 4.04 -43.23
N ALA A 9 -10.67 4.88 -42.18
CA ALA A 9 -9.42 5.44 -41.68
C ALA A 9 -8.74 4.52 -40.67
N CYS A 10 -8.45 3.29 -41.11
CA CYS A 10 -7.85 2.26 -40.26
C CYS A 10 -6.92 1.36 -41.06
N SER A 11 -6.21 0.49 -40.35
CA SER A 11 -5.32 -0.49 -40.97
C SER A 11 -5.54 -1.86 -40.33
N CYS A 12 -6.16 -2.75 -41.09
CA CYS A 12 -6.49 -4.10 -40.59
C CYS A 12 -5.38 -5.10 -40.93
N SER A 13 -5.32 -6.18 -40.14
CA SER A 13 -4.34 -7.24 -40.35
C SER A 13 -4.96 -8.60 -40.02
N ASN A 14 -4.61 -9.62 -40.80
CA ASN A 14 -5.12 -10.98 -40.61
C ASN A 14 -6.64 -11.06 -40.49
N SER A 17 -6.73 -10.16 -37.48
CA SER A 17 -7.54 -9.83 -36.32
C SER A 17 -6.91 -8.69 -35.51
N ARG A 18 -6.42 -7.67 -36.22
CA ARG A 18 -5.78 -6.51 -35.59
C ARG A 18 -6.08 -5.22 -36.36
N VAL A 19 -6.86 -4.33 -35.75
CA VAL A 19 -7.28 -3.07 -36.39
C VAL A 19 -6.58 -1.88 -35.73
N ILE A 20 -6.03 -0.98 -36.55
CA ILE A 20 -5.27 0.17 -36.08
C ILE A 20 -5.86 1.47 -36.62
N CYS A 21 -6.59 2.21 -35.78
CA CYS A 21 -7.24 3.45 -36.18
C CYS A 21 -6.70 4.66 -35.41
N THR A 22 -5.38 4.69 -35.20
CA THR A 22 -4.76 5.74 -34.42
C THR A 22 -4.37 6.94 -35.26
N ARG A 23 -4.14 8.06 -34.59
CA ARG A 23 -3.65 9.30 -35.21
C ARG A 23 -4.64 9.82 -36.27
N ARG A 24 -5.91 9.87 -35.88
CA ARG A 24 -7.00 10.38 -36.72
C ARG A 24 -7.99 11.13 -35.85
N GLU A 25 -8.45 12.30 -36.30
CA GLU A 25 -9.40 13.10 -35.53
C GLU A 25 -10.78 12.46 -35.56
N LEU A 26 -10.94 11.39 -34.78
CA LEU A 26 -12.18 10.63 -34.72
C LEU A 26 -12.98 11.02 -33.47
N ALA A 27 -14.17 11.58 -33.68
CA ALA A 27 -15.03 12.03 -32.60
C ALA A 27 -15.79 10.88 -31.93
N GLU A 28 -16.05 9.83 -32.70
CA GLU A 28 -16.74 8.64 -32.18
C GLU A 28 -16.15 7.35 -32.77
N VAL A 29 -16.53 6.22 -32.20
CA VAL A 29 -16.06 4.91 -32.66
C VAL A 29 -16.67 4.58 -34.03
N PRO A 30 -15.85 4.05 -34.96
CA PRO A 30 -16.38 3.66 -36.26
C PRO A 30 -17.28 2.41 -36.16
N ALA A 31 -18.34 2.39 -36.96
CA ALA A 31 -19.32 1.31 -36.92
C ALA A 31 -18.77 0.03 -37.57
N SER A 32 -18.23 0.17 -38.77
CA SER A 32 -17.74 -0.98 -39.55
C SER A 32 -16.51 -1.60 -38.92
N ILE A 33 -16.73 -2.44 -37.90
CA ILE A 33 -15.67 -3.19 -37.25
C ILE A 33 -15.87 -4.68 -37.54
N PRO A 34 -14.85 -5.35 -38.10
CA PRO A 34 -14.93 -6.79 -38.34
C PRO A 34 -15.23 -7.59 -37.08
N VAL A 35 -15.93 -8.72 -37.24
CA VAL A 35 -16.37 -9.54 -36.12
C VAL A 35 -15.19 -10.24 -35.45
N ASN A 36 -14.25 -10.73 -36.25
CA ASN A 36 -13.10 -11.49 -35.75
C ASN A 36 -11.85 -10.63 -35.52
N THR A 37 -11.89 -9.81 -34.47
CA THR A 37 -10.74 -8.97 -34.09
C THR A 37 -10.39 -9.16 -32.62
N ARG A 38 -9.08 -9.27 -32.34
CA ARG A 38 -8.56 -9.40 -30.98
C ARG A 38 -7.98 -8.08 -30.49
N TYR A 39 -7.08 -7.52 -31.31
CA TYR A 39 -6.40 -6.25 -31.01
C TYR A 39 -7.18 -5.10 -31.63
N LEU A 40 -7.25 -3.97 -30.91
CA LEU A 40 -8.00 -2.81 -31.38
C LEU A 40 -7.47 -1.53 -30.73
N ASN A 41 -6.76 -0.72 -31.52
CA ASN A 41 -6.13 0.50 -31.04
C ASN A 41 -6.89 1.75 -31.48
N LEU A 42 -7.47 2.46 -30.52
CA LEU A 42 -8.21 3.70 -30.79
C LEU A 42 -7.63 4.87 -29.99
N GLN A 43 -6.30 4.98 -30.00
CA GLN A 43 -5.58 6.01 -29.25
C GLN A 43 -5.27 7.25 -30.10
N GLU A 44 -4.94 8.34 -29.42
CA GLU A 44 -4.60 9.63 -30.05
C GLU A 44 -5.72 10.21 -30.92
N ASN A 45 -6.97 9.90 -30.55
CA ASN A 45 -8.15 10.43 -31.23
C ASN A 45 -8.97 11.27 -30.25
N SER A 46 -10.02 11.93 -30.74
CA SER A 46 -10.80 12.86 -29.92
C SER A 46 -12.17 12.32 -29.52
N ILE A 47 -12.22 11.06 -29.08
CA ILE A 47 -13.48 10.42 -28.74
C ILE A 47 -13.94 10.81 -27.33
N GLN A 48 -15.19 11.26 -27.22
CA GLN A 48 -15.73 11.81 -25.97
C GLN A 48 -16.68 10.87 -25.23
N VAL A 49 -17.49 10.11 -25.97
CA VAL A 49 -18.52 9.26 -25.37
C VAL A 49 -18.45 7.81 -25.83
N ILE A 50 -18.69 6.90 -24.90
CA ILE A 50 -18.74 5.47 -25.18
C ILE A 50 -20.14 4.95 -24.84
N ARG A 51 -20.90 4.59 -25.87
CA ARG A 51 -22.31 4.25 -25.71
C ARG A 51 -22.52 2.76 -25.41
N THR A 52 -23.75 2.43 -25.00
CA THR A 52 -24.12 1.05 -24.69
C THR A 52 -24.17 0.21 -25.96
N ASP A 53 -23.57 -0.98 -25.90
CA ASP A 53 -23.53 -1.91 -27.03
C ASP A 53 -22.87 -1.29 -28.27
N THR A 54 -21.77 -0.57 -28.06
CA THR A 54 -20.98 -0.04 -29.17
C THR A 54 -20.07 -1.11 -29.74
N PHE A 55 -19.75 -2.12 -28.92
CA PHE A 55 -18.92 -3.24 -29.34
C PHE A 55 -19.78 -4.48 -29.55
N LYS A 56 -20.38 -4.57 -30.73
CA LYS A 56 -21.29 -5.66 -31.09
C LYS A 56 -20.50 -6.81 -31.72
N HIS A 57 -20.88 -8.03 -31.36
CA HIS A 57 -20.33 -9.27 -31.97
C HIS A 57 -18.85 -9.45 -31.85
N LEU A 58 -18.19 -8.69 -30.96
CA LEU A 58 -16.74 -8.78 -30.80
C LEU A 58 -16.42 -9.82 -29.72
N ARG A 59 -16.71 -11.07 -30.03
CA ARG A 59 -16.51 -12.18 -29.09
C ARG A 59 -15.06 -12.69 -29.09
N HIS A 60 -14.23 -12.16 -29.98
CA HIS A 60 -12.81 -12.51 -30.04
C HIS A 60 -11.93 -11.42 -29.51
N LEU A 61 -12.51 -10.27 -29.14
CA LEU A 61 -11.73 -9.12 -28.69
C LEU A 61 -11.04 -9.41 -27.35
N GLU A 62 -9.71 -9.40 -27.38
CA GLU A 62 -8.90 -9.60 -26.17
C GLU A 62 -8.31 -8.28 -25.67
N ILE A 63 -7.81 -7.47 -26.59
CA ILE A 63 -7.23 -6.17 -26.26
C ILE A 63 -8.07 -5.06 -26.86
N LEU A 64 -8.57 -4.16 -26.01
CA LEU A 64 -9.26 -2.95 -26.45
C LEU A 64 -8.56 -1.75 -25.84
N GLN A 65 -8.20 -0.79 -26.70
CA GLN A 65 -7.42 0.38 -26.28
C GLN A 65 -8.14 1.69 -26.57
N LEU A 66 -8.65 2.32 -25.52
CA LEU A 66 -9.38 3.59 -25.66
C LEU A 66 -8.70 4.71 -24.86
N SER A 67 -7.37 4.73 -24.92
CA SER A 67 -6.58 5.69 -24.18
C SER A 67 -6.34 6.96 -25.00
N LYS A 68 -5.75 7.96 -24.35
CA LYS A 68 -5.37 9.21 -25.01
C LYS A 68 -6.50 9.79 -25.89
N ASN A 69 -7.68 9.91 -25.30
CA ASN A 69 -8.82 10.55 -25.95
C ASN A 69 -9.38 11.61 -25.01
N LEU A 70 -10.53 12.18 -25.37
CA LEU A 70 -11.27 13.09 -24.49
C LEU A 70 -12.47 12.36 -23.88
N VAL A 71 -12.29 11.07 -23.56
CA VAL A 71 -13.42 10.24 -23.12
C VAL A 71 -13.95 10.74 -21.78
N ARG A 72 -15.23 11.14 -21.79
CA ARG A 72 -15.88 11.73 -20.62
C ARG A 72 -17.01 10.88 -20.04
N LYS A 73 -17.61 10.02 -20.85
CA LYS A 73 -18.72 9.20 -20.40
C LYS A 73 -18.67 7.78 -20.97
N ILE A 74 -18.80 6.80 -20.10
CA ILE A 74 -18.90 5.39 -20.47
C ILE A 74 -20.24 4.86 -19.97
N GLU A 75 -21.15 4.59 -20.90
CA GLU A 75 -22.54 4.25 -20.54
C GLU A 75 -22.68 2.90 -19.83
N VAL A 76 -23.90 2.60 -19.41
CA VAL A 76 -24.24 1.32 -18.81
C VAL A 76 -24.11 0.24 -19.88
N GLY A 77 -23.40 -0.84 -19.56
CA GLY A 77 -23.25 -1.96 -20.49
C GLY A 77 -22.60 -1.59 -21.80
N ALA A 78 -21.55 -0.77 -21.73
CA ALA A 78 -20.77 -0.42 -22.91
C ALA A 78 -19.96 -1.62 -23.39
N PHE A 79 -19.56 -2.48 -22.45
CA PHE A 79 -18.73 -3.64 -22.76
C PHE A 79 -19.51 -4.95 -22.69
N ASN A 80 -20.76 -4.92 -23.16
CA ASN A 80 -21.54 -6.15 -23.30
C ASN A 80 -21.11 -6.89 -24.56
N GLY A 81 -21.21 -8.22 -24.51
CA GLY A 81 -20.82 -9.07 -25.64
C GLY A 81 -19.31 -9.14 -25.84
N LEU A 82 -18.58 -9.20 -24.72
CA LEU A 82 -17.11 -9.30 -24.76
C LEU A 82 -16.62 -10.38 -23.78
N PRO A 83 -16.86 -11.67 -24.13
CA PRO A 83 -16.37 -12.80 -23.33
C PRO A 83 -14.91 -13.19 -23.62
N SER A 84 -14.19 -12.37 -24.38
CA SER A 84 -12.78 -12.60 -24.65
C SER A 84 -11.87 -11.50 -24.10
N LEU A 85 -12.46 -10.41 -23.60
CA LEU A 85 -11.66 -9.23 -23.23
C LEU A 85 -10.69 -9.53 -22.09
N ASN A 86 -9.40 -9.38 -22.39
CA ASN A 86 -8.32 -9.63 -21.44
C ASN A 86 -7.79 -8.32 -20.86
N THR A 87 -7.57 -7.34 -21.73
CA THR A 87 -6.99 -6.05 -21.33
C THR A 87 -7.87 -4.89 -21.80
N LEU A 88 -7.89 -3.81 -21.01
CA LEU A 88 -8.67 -2.62 -21.32
C LEU A 88 -7.93 -1.36 -20.89
N GLU A 89 -7.69 -0.46 -21.85
CA GLU A 89 -6.94 0.77 -21.58
C GLU A 89 -7.81 2.01 -21.74
N LEU A 90 -7.84 2.84 -20.71
CA LEU A 90 -8.61 4.09 -20.72
C LEU A 90 -7.81 5.30 -20.23
N PHE A 91 -6.47 5.19 -20.22
CA PHE A 91 -5.63 6.23 -19.63
C PHE A 91 -5.55 7.50 -20.48
N ASP A 92 -5.11 8.59 -19.84
CA ASP A 92 -5.01 9.91 -20.47
C ASP A 92 -6.33 10.38 -21.09
N ASN A 93 -7.44 10.07 -20.39
CA ASN A 93 -8.77 10.50 -20.79
C ASN A 93 -9.30 11.55 -19.80
N ARG A 94 -10.59 11.90 -19.90
CA ARG A 94 -11.18 12.91 -19.02
C ARG A 94 -12.39 12.36 -18.26
N LEU A 95 -12.18 11.26 -17.56
CA LEU A 95 -13.22 10.63 -16.75
C LEU A 95 -13.19 11.19 -15.33
N THR A 96 -14.35 11.61 -14.83
CA THR A 96 -14.46 12.21 -13.51
C THR A 96 -14.84 11.19 -12.42
N THR A 97 -15.27 10.01 -12.85
CA THR A 97 -15.55 8.89 -11.94
C THR A 97 -15.14 7.58 -12.61
N VAL A 98 -15.27 6.46 -11.89
CA VAL A 98 -15.08 5.14 -12.48
C VAL A 98 -16.44 4.58 -12.91
N PRO A 99 -16.53 4.06 -14.15
CA PRO A 99 -17.78 3.48 -14.62
C PRO A 99 -17.99 2.06 -14.07
N THR A 100 -18.55 1.98 -12.87
CA THR A 100 -18.81 0.70 -12.20
C THR A 100 -19.72 -0.21 -13.02
N GLN A 101 -20.84 0.34 -13.48
CA GLN A 101 -21.86 -0.44 -14.19
C GLN A 101 -21.43 -0.84 -15.61
N ALA A 102 -20.44 -0.15 -16.18
CA ALA A 102 -20.01 -0.40 -17.55
C ALA A 102 -19.54 -1.84 -17.74
N PHE A 103 -18.48 -2.21 -17.02
CA PHE A 103 -17.89 -3.57 -17.13
C PHE A 103 -18.78 -4.62 -16.46
N GLU A 104 -19.87 -4.96 -17.15
CA GLU A 104 -20.92 -5.83 -16.60
C GLU A 104 -20.61 -7.31 -16.84
N TYR A 105 -20.31 -8.03 -15.76
CA TYR A 105 -19.97 -9.47 -15.80
C TYR A 105 -18.81 -9.79 -16.75
N LEU A 106 -17.59 -9.58 -16.26
CA LEU A 106 -16.38 -9.87 -17.03
C LEU A 106 -15.38 -10.65 -16.16
N SER A 107 -15.44 -11.97 -16.27
CA SER A 107 -14.49 -12.85 -15.57
C SER A 107 -13.24 -13.14 -16.43
N LYS A 108 -13.20 -12.55 -17.62
CA LYS A 108 -12.05 -12.69 -18.51
C LYS A 108 -11.09 -11.51 -18.42
N LEU A 109 -11.56 -10.38 -17.90
CA LEU A 109 -10.73 -9.17 -17.82
C LEU A 109 -9.62 -9.32 -16.78
N ARG A 110 -8.37 -9.19 -17.24
CA ARG A 110 -7.20 -9.34 -16.38
C ARG A 110 -6.50 -8.00 -16.12
N GLU A 111 -6.48 -7.12 -17.12
CA GLU A 111 -5.79 -5.83 -17.01
C GLU A 111 -6.75 -4.66 -17.20
N LEU A 112 -6.53 -3.61 -16.43
CA LEU A 112 -7.37 -2.40 -16.49
C LEU A 112 -6.50 -1.17 -16.18
N TRP A 113 -6.56 -0.19 -17.08
CA TRP A 113 -5.69 0.99 -17.00
C TRP A 113 -6.46 2.28 -17.03
N LEU A 114 -6.74 2.82 -15.84
CA LEU A 114 -7.46 4.09 -15.72
C LEU A 114 -6.50 5.23 -15.33
N ARG A 115 -5.23 5.08 -15.67
CA ARG A 115 -4.21 6.05 -15.29
C ARG A 115 -4.52 7.44 -15.85
N ASN A 116 -4.13 8.47 -15.11
CA ASN A 116 -4.18 9.85 -15.59
C ASN A 116 -5.58 10.24 -16.09
N ASN A 117 -6.54 10.20 -15.18
CA ASN A 117 -7.86 10.78 -15.38
C ASN A 117 -8.16 11.76 -14.24
N PRO A 118 -9.12 12.67 -14.46
CA PRO A 118 -9.57 13.55 -13.36
C PRO A 118 -10.62 12.87 -12.45
N ILE A 119 -10.39 11.61 -12.11
CA ILE A 119 -11.32 10.85 -11.28
C ILE A 119 -11.26 11.36 -9.84
N GLU A 120 -12.44 11.55 -9.24
CA GLU A 120 -12.55 12.17 -7.91
C GLU A 120 -12.70 11.18 -6.76
N SER A 121 -13.23 9.99 -7.03
CA SER A 121 -13.39 8.98 -5.99
C SER A 121 -13.48 7.55 -6.52
N ILE A 122 -13.26 6.59 -5.61
CA ILE A 122 -13.43 5.16 -5.91
C ILE A 122 -14.54 4.62 -5.01
N PRO A 123 -15.74 4.42 -5.58
CA PRO A 123 -16.89 4.04 -4.77
C PRO A 123 -16.84 2.62 -4.21
N SER A 124 -17.65 2.36 -3.19
CA SER A 124 -17.80 1.03 -2.60
C SER A 124 -18.08 0.00 -3.69
N TYR A 125 -17.34 -1.10 -3.67
CA TYR A 125 -17.52 -2.20 -4.61
C TYR A 125 -17.41 -1.70 -6.06
N ALA A 126 -16.38 -0.92 -6.32
CA ALA A 126 -16.17 -0.32 -7.63
C ALA A 126 -15.90 -1.38 -8.69
N PHE A 127 -14.99 -2.30 -8.37
CA PHE A 127 -14.52 -3.30 -9.33
C PHE A 127 -15.06 -4.70 -9.00
N ASN A 128 -16.18 -4.75 -8.31
CA ASN A 128 -16.79 -6.02 -7.93
C ASN A 128 -17.24 -6.81 -9.16
N ARG A 129 -17.62 -6.08 -10.21
CA ARG A 129 -18.08 -6.68 -11.46
C ARG A 129 -16.95 -7.33 -12.27
N VAL A 130 -15.70 -7.07 -11.88
CA VAL A 130 -14.53 -7.64 -12.56
C VAL A 130 -13.55 -8.22 -11.52
N PRO A 131 -13.93 -9.35 -10.88
CA PRO A 131 -13.14 -9.92 -9.79
C PRO A 131 -11.92 -10.71 -10.25
N SER A 132 -11.84 -11.00 -11.54
CA SER A 132 -10.72 -11.76 -12.10
C SER A 132 -9.50 -10.87 -12.43
N LEU A 133 -9.57 -9.59 -12.08
CA LEU A 133 -8.47 -8.65 -12.35
C LEU A 133 -7.14 -9.14 -11.79
N ARG A 134 -6.07 -8.86 -12.52
CA ARG A 134 -4.70 -9.17 -12.10
C ARG A 134 -3.89 -7.89 -11.94
N ARG A 135 -3.96 -7.02 -12.96
CA ARG A 135 -3.36 -5.68 -12.90
C ARG A 135 -4.44 -4.60 -12.90
N LEU A 136 -4.30 -3.62 -12.01
CA LEU A 136 -5.17 -2.45 -11.97
C LEU A 136 -4.32 -1.20 -11.83
N ASP A 137 -4.33 -0.34 -12.84
CA ASP A 137 -3.53 0.88 -12.83
C ASP A 137 -4.40 2.13 -12.60
N LEU A 138 -4.32 2.66 -11.37
CA LEU A 138 -5.04 3.87 -10.99
C LEU A 138 -4.03 4.98 -10.73
N GLY A 139 -3.08 5.13 -11.65
CA GLY A 139 -1.98 6.06 -11.47
C GLY A 139 -2.31 7.47 -11.91
N GLU A 140 -1.59 8.43 -11.34
CA GLU A 140 -1.74 9.84 -11.69
C GLU A 140 -3.18 10.35 -11.62
N LEU A 141 -3.91 9.92 -10.59
CA LEU A 141 -5.23 10.47 -10.31
C LEU A 141 -5.06 11.68 -9.40
N LYS A 142 -4.59 12.77 -10.00
CA LYS A 142 -4.22 13.98 -9.26
C LYS A 142 -5.41 14.63 -8.56
N ARG A 143 -6.60 14.49 -9.15
CA ARG A 143 -7.81 15.11 -8.61
C ARG A 143 -8.63 14.15 -7.75
N LEU A 144 -8.04 13.04 -7.33
CA LEU A 144 -8.71 12.07 -6.47
C LEU A 144 -8.83 12.66 -5.07
N GLU A 145 -10.03 12.55 -4.49
CA GLU A 145 -10.32 13.18 -3.19
C GLU A 145 -10.82 12.22 -2.10
N TYR A 146 -11.23 11.00 -2.49
CA TYR A 146 -11.79 10.05 -1.52
C TYR A 146 -11.82 8.62 -2.06
N ILE A 147 -11.33 7.68 -1.24
CA ILE A 147 -11.38 6.26 -1.59
C ILE A 147 -12.26 5.52 -0.58
N SER A 148 -13.15 4.67 -1.10
CA SER A 148 -14.05 3.90 -0.25
C SER A 148 -13.29 2.83 0.52
N GLU A 149 -13.68 2.60 1.77
CA GLU A 149 -13.13 1.51 2.59
C GLU A 149 -13.42 0.16 1.93
N ALA A 150 -14.62 0.03 1.35
CA ALA A 150 -15.02 -1.16 0.62
C ALA A 150 -14.87 -0.96 -0.89
N ALA A 151 -13.83 -0.26 -1.31
CA ALA A 151 -13.62 0.02 -2.73
C ALA A 151 -13.11 -1.20 -3.47
N PHE A 152 -12.06 -1.82 -2.92
CA PHE A 152 -11.35 -2.91 -3.56
C PHE A 152 -11.89 -4.30 -3.18
N GLU A 153 -13.20 -4.39 -2.96
CA GLU A 153 -13.82 -5.68 -2.67
C GLU A 153 -14.01 -6.44 -3.97
N GLY A 154 -13.86 -7.76 -3.90
CA GLY A 154 -14.05 -8.65 -5.04
C GLY A 154 -12.76 -8.98 -5.79
N LEU A 155 -11.73 -8.16 -5.60
CA LEU A 155 -10.47 -8.31 -6.32
C LEU A 155 -9.52 -9.25 -5.58
N VAL A 156 -9.93 -10.51 -5.44
CA VAL A 156 -9.12 -11.51 -4.74
C VAL A 156 -7.99 -12.10 -5.59
N ASN A 157 -8.02 -11.83 -6.90
CA ASN A 157 -6.98 -12.32 -7.81
C ASN A 157 -6.00 -11.24 -8.27
N LEU A 158 -6.15 -10.04 -7.74
CA LEU A 158 -5.30 -8.91 -8.14
C LEU A 158 -3.89 -9.10 -7.60
N ARG A 159 -2.89 -9.01 -8.49
CA ARG A 159 -1.48 -9.12 -8.12
C ARG A 159 -0.82 -7.74 -8.06
N TYR A 160 -1.20 -6.86 -8.98
CA TYR A 160 -0.58 -5.53 -9.12
C TYR A 160 -1.59 -4.40 -8.92
N LEU A 161 -1.17 -3.37 -8.20
CA LEU A 161 -2.01 -2.18 -7.97
C LEU A 161 -1.17 -0.90 -7.96
N ASN A 162 -1.55 0.07 -8.78
CA ASN A 162 -0.87 1.36 -8.83
C ASN A 162 -1.74 2.52 -8.35
N LEU A 163 -1.42 3.04 -7.17
CA LEU A 163 -2.03 4.27 -6.64
C LEU A 163 -0.95 5.35 -6.50
N GLY A 164 -0.13 5.48 -7.52
CA GLY A 164 0.96 6.46 -7.51
C GLY A 164 0.48 7.81 -8.01
N MET A 165 1.17 8.87 -7.58
CA MET A 165 0.91 10.24 -8.04
C MET A 165 -0.54 10.68 -7.80
N CYS A 166 -1.11 10.26 -6.66
CA CYS A 166 -2.52 10.54 -6.35
C CYS A 166 -2.71 11.50 -5.17
N ASN A 167 -1.62 11.89 -4.52
CA ASN A 167 -1.68 12.73 -3.32
C ASN A 167 -2.56 12.14 -2.21
N LEU A 168 -2.41 10.84 -1.99
CA LEU A 168 -3.12 10.17 -0.91
C LEU A 168 -2.61 10.66 0.45
N LYS A 169 -3.53 11.13 1.28
CA LYS A 169 -3.19 11.48 2.67
C LYS A 169 -2.94 10.21 3.48
N ASP A 170 -3.82 9.22 3.34
CA ASP A 170 -3.69 7.94 4.03
C ASP A 170 -3.74 6.80 3.02
N ILE A 171 -3.18 5.65 3.39
CA ILE A 171 -3.22 4.47 2.54
C ILE A 171 -4.63 3.89 2.61
N PRO A 172 -5.27 3.66 1.44
CA PRO A 172 -6.62 3.11 1.46
C PRO A 172 -6.67 1.70 2.02
N ASN A 173 -7.87 1.18 2.22
CA ASN A 173 -8.03 -0.17 2.75
C ASN A 173 -7.64 -1.20 1.70
N LEU A 174 -6.59 -1.97 2.00
CA LEU A 174 -6.08 -2.99 1.08
C LEU A 174 -6.21 -4.40 1.64
N THR A 175 -6.87 -4.55 2.78
CA THR A 175 -6.98 -5.86 3.45
C THR A 175 -7.71 -6.91 2.60
N ALA A 176 -8.60 -6.45 1.72
CA ALA A 176 -9.35 -7.35 0.83
C ALA A 176 -8.47 -8.04 -0.20
N LEU A 177 -7.36 -7.41 -0.58
CA LEU A 177 -6.48 -7.91 -1.64
C LEU A 177 -5.47 -8.93 -1.12
N VAL A 178 -5.89 -10.18 -0.97
CA VAL A 178 -5.08 -11.21 -0.33
C VAL A 178 -3.96 -11.79 -1.20
N ARG A 179 -4.03 -11.56 -2.51
CA ARG A 179 -3.04 -12.09 -3.44
C ARG A 179 -2.19 -10.99 -4.09
N LEU A 180 -2.14 -9.81 -3.48
CA LEU A 180 -1.38 -8.69 -4.03
C LEU A 180 0.11 -9.00 -3.93
N GLU A 181 0.83 -8.75 -5.02
CA GLU A 181 2.27 -9.01 -5.09
C GLU A 181 3.10 -7.74 -5.28
N GLU A 182 2.51 -6.69 -5.86
CA GLU A 182 3.21 -5.43 -6.09
C GLU A 182 2.30 -4.24 -5.85
N LEU A 183 2.79 -3.26 -5.10
CA LEU A 183 2.01 -2.09 -4.71
C LEU A 183 2.79 -0.82 -4.94
N GLU A 184 2.27 0.05 -5.81
CA GLU A 184 2.87 1.35 -6.08
C GLU A 184 2.11 2.45 -5.33
N LEU A 185 2.80 3.11 -4.41
CA LEU A 185 2.21 4.19 -3.62
C LEU A 185 3.07 5.47 -3.64
N SER A 186 3.92 5.60 -4.66
CA SER A 186 4.86 6.72 -4.75
C SER A 186 4.18 8.02 -5.18
N GLY A 187 4.77 9.15 -4.83
CA GLY A 187 4.22 10.46 -5.21
C GLY A 187 2.96 10.86 -4.47
N ASN A 188 2.87 10.45 -3.21
CA ASN A 188 1.69 10.74 -2.38
C ASN A 188 2.07 11.58 -1.15
N ARG A 189 1.11 11.80 -0.26
CA ARG A 189 1.33 12.56 0.97
C ARG A 189 1.08 11.69 2.20
N LEU A 190 1.60 10.47 2.17
CA LEU A 190 1.36 9.50 3.23
C LEU A 190 2.23 9.82 4.42
N ASP A 191 1.70 10.64 5.33
CA ASP A 191 2.49 11.21 6.42
C ASP A 191 3.20 10.13 7.22
N LEU A 192 2.42 9.24 7.83
CA LEU A 192 2.98 8.11 8.56
C LEU A 192 2.38 6.80 8.10
N ILE A 193 3.11 5.71 8.39
CA ILE A 193 2.76 4.37 7.94
C ILE A 193 2.43 3.50 9.14
N ARG A 194 1.28 2.84 9.07
CA ARG A 194 0.78 2.05 10.18
C ARG A 194 0.81 0.55 9.85
N PRO A 195 0.95 -0.29 10.89
CA PRO A 195 0.81 -1.75 10.75
C PRO A 195 -0.46 -2.17 10.03
N GLY A 196 -1.59 -1.59 10.43
CA GLY A 196 -2.88 -1.96 9.86
C GLY A 196 -3.06 -1.60 8.40
N SER A 197 -2.22 -0.69 7.91
CA SER A 197 -2.24 -0.30 6.50
C SER A 197 -2.01 -1.50 5.60
N PHE A 198 -1.10 -2.39 6.01
CA PHE A 198 -0.71 -3.57 5.22
C PHE A 198 -1.20 -4.90 5.79
N GLN A 199 -1.90 -4.87 6.92
CA GLN A 199 -2.42 -6.09 7.53
C GLN A 199 -3.16 -6.93 6.49
N GLY A 200 -2.78 -8.20 6.37
CA GLY A 200 -3.38 -9.10 5.39
C GLY A 200 -2.84 -8.90 3.98
N LEU A 201 -1.51 -8.81 3.87
CA LEU A 201 -0.83 -8.75 2.58
C LEU A 201 0.44 -9.59 2.65
N THR A 202 0.27 -10.88 2.93
CA THR A 202 1.39 -11.79 3.14
C THR A 202 2.12 -12.14 1.85
N SER A 203 1.45 -12.01 0.70
CA SER A 203 2.04 -12.33 -0.60
C SER A 203 2.73 -11.13 -1.28
N LEU A 204 2.75 -9.97 -0.62
CA LEU A 204 3.27 -8.74 -1.24
C LEU A 204 4.80 -8.76 -1.28
N ARG A 205 5.33 -8.62 -2.49
CA ARG A 205 6.76 -8.79 -2.76
C ARG A 205 7.49 -7.47 -2.97
N LYS A 206 6.81 -6.51 -3.61
CA LYS A 206 7.39 -5.19 -3.87
C LYS A 206 6.45 -4.09 -3.37
N LEU A 207 6.99 -3.14 -2.62
CA LEU A 207 6.25 -1.97 -2.13
C LEU A 207 7.04 -0.70 -2.40
N TRP A 208 6.41 0.28 -3.04
CA TRP A 208 7.09 1.50 -3.45
C TRP A 208 6.52 2.74 -2.81
N LEU A 209 7.26 3.32 -1.86
CA LEU A 209 6.86 4.52 -1.14
C LEU A 209 7.89 5.64 -1.37
N MET A 210 8.29 5.80 -2.63
CA MET A 210 9.25 6.83 -3.02
C MET A 210 8.52 8.15 -3.17
N HIS A 211 9.14 9.26 -2.76
CA HIS A 211 8.48 10.58 -2.82
C HIS A 211 7.08 10.50 -2.27
N ALA A 212 6.96 10.08 -1.00
CA ALA A 212 5.64 9.91 -0.38
C ALA A 212 5.40 10.89 0.76
N GLN A 213 6.37 11.75 1.06
CA GLN A 213 6.32 12.64 2.22
C GLN A 213 6.10 11.82 3.49
N VAL A 214 6.87 10.75 3.62
CA VAL A 214 6.78 9.87 4.77
C VAL A 214 7.70 10.40 5.86
N ALA A 215 7.12 10.80 6.98
CA ALA A 215 7.88 11.37 8.10
C ALA A 215 8.11 10.39 9.24
N THR A 216 7.23 9.39 9.36
CA THR A 216 7.29 8.41 10.46
C THR A 216 6.79 7.04 10.02
N ILE A 217 7.50 6.00 10.47
CA ILE A 217 7.04 4.62 10.32
C ILE A 217 6.83 4.03 11.72
N GLU A 218 5.62 3.55 11.99
CA GLU A 218 5.28 3.06 13.33
C GLU A 218 5.92 1.72 13.64
N ARG A 219 5.99 1.39 14.93
CA ARG A 219 6.55 0.13 15.39
C ARG A 219 5.86 -1.05 14.73
N ASN A 220 6.64 -1.99 14.19
CA ASN A 220 6.10 -3.19 13.58
C ASN A 220 5.13 -2.89 12.43
N ALA A 221 5.42 -1.86 11.66
CA ALA A 221 4.55 -1.41 10.58
C ALA A 221 4.53 -2.41 9.42
N PHE A 222 5.60 -3.17 9.26
CA PHE A 222 5.76 -4.07 8.12
C PHE A 222 5.80 -5.56 8.47
N ASP A 223 5.72 -5.89 9.75
CA ASP A 223 5.91 -7.27 10.21
C ASP A 223 4.98 -8.29 9.51
N ASP A 224 3.83 -7.81 9.05
CA ASP A 224 2.85 -8.68 8.37
C ASP A 224 3.27 -9.04 6.95
N LEU A 225 4.07 -8.18 6.31
CA LEU A 225 4.53 -8.40 4.94
C LEU A 225 5.69 -9.40 4.87
N LYS A 226 5.43 -10.65 5.20
CA LYS A 226 6.51 -11.63 5.37
C LYS A 226 7.10 -12.19 4.07
N SER A 227 6.65 -11.69 2.92
CA SER A 227 7.22 -12.07 1.62
C SER A 227 7.74 -10.86 0.82
N LEU A 228 8.19 -9.83 1.54
CA LEU A 228 8.59 -8.58 0.88
C LEU A 228 10.05 -8.69 0.45
N GLU A 229 10.32 -8.36 -0.82
CA GLU A 229 11.66 -8.43 -1.40
C GLU A 229 12.24 -7.06 -1.76
N GLU A 230 11.39 -6.15 -2.25
CA GLU A 230 11.81 -4.84 -2.70
C GLU A 230 11.00 -3.75 -1.99
N LEU A 231 11.71 -2.85 -1.31
CA LEU A 231 11.08 -1.78 -0.52
C LEU A 231 11.80 -0.46 -0.72
N ASN A 232 11.14 0.45 -1.43
CA ASN A 232 11.73 1.73 -1.79
C ASN A 232 11.13 2.85 -0.95
N LEU A 233 11.91 3.34 0.02
CA LEU A 233 11.52 4.49 0.83
C LEU A 233 12.40 5.70 0.50
N SER A 234 12.87 5.76 -0.75
CA SER A 234 13.74 6.82 -1.20
C SER A 234 12.99 8.14 -1.27
N HIS A 235 13.71 9.25 -1.05
CA HIS A 235 13.13 10.60 -1.15
C HIS A 235 11.92 10.80 -0.27
N ASN A 236 12.17 10.89 1.03
CA ASN A 236 11.11 11.12 2.01
C ASN A 236 11.65 11.95 3.16
N ASN A 237 10.86 12.10 4.21
CA ASN A 237 11.27 12.89 5.37
C ASN A 237 11.55 12.02 6.61
N LEU A 238 12.14 10.85 6.40
CA LEU A 238 12.44 9.95 7.51
C LEU A 238 13.69 10.39 8.26
N MET A 239 13.57 10.53 9.58
CA MET A 239 14.72 10.82 10.44
C MET A 239 15.28 9.55 11.09
N SER A 240 14.40 8.58 11.36
CA SER A 240 14.78 7.36 12.05
C SER A 240 13.78 6.24 11.76
N LEU A 241 14.15 5.02 12.13
CA LEU A 241 13.27 3.86 11.98
C LEU A 241 13.20 3.09 13.30
N PRO A 242 12.02 2.53 13.63
CA PRO A 242 11.89 1.81 14.89
C PRO A 242 12.88 0.65 14.99
N HIS A 243 13.12 0.17 16.21
CA HIS A 243 14.08 -0.91 16.42
C HIS A 243 13.63 -2.18 15.74
N ASP A 244 14.53 -2.74 14.94
CA ASP A 244 14.33 -4.02 14.25
C ASP A 244 13.08 -4.05 13.35
N LEU A 245 12.84 -2.96 12.64
CA LEU A 245 11.70 -2.88 11.71
C LEU A 245 11.80 -3.94 10.62
N PHE A 246 12.97 -4.05 10.01
CA PHE A 246 13.18 -5.01 8.93
C PHE A 246 13.61 -6.39 9.42
N THR A 247 14.05 -6.48 10.66
CA THR A 247 14.70 -7.71 11.14
C THR A 247 13.94 -8.99 10.85
N PRO A 248 12.62 -9.03 11.13
CA PRO A 248 11.85 -10.25 10.88
C PRO A 248 11.53 -10.56 9.40
N LEU A 249 11.63 -9.55 8.52
CA LEU A 249 11.38 -9.74 7.09
C LEU A 249 12.55 -10.44 6.37
N HIS A 250 12.45 -11.76 6.23
CA HIS A 250 13.62 -12.58 5.87
C HIS A 250 13.94 -12.69 4.40
N ARG A 251 13.03 -12.23 3.54
CA ARG A 251 13.24 -12.28 2.09
C ARG A 251 13.58 -10.91 1.50
N LEU A 252 13.89 -9.94 2.37
CA LEU A 252 14.15 -8.57 1.96
C LEU A 252 15.57 -8.43 1.41
N GLU A 253 15.67 -7.95 0.16
CA GLU A 253 16.96 -7.90 -0.55
C GLU A 253 17.20 -6.66 -1.43
N ARG A 254 16.24 -5.75 -1.51
CA ARG A 254 16.44 -4.45 -2.17
C ARG A 254 15.72 -3.42 -1.34
N VAL A 255 16.49 -2.50 -0.75
CA VAL A 255 15.92 -1.44 0.05
C VAL A 255 16.60 -0.12 -0.30
N HIS A 256 15.80 0.92 -0.53
CA HIS A 256 16.35 2.22 -0.83
C HIS A 256 15.97 3.19 0.26
N LEU A 257 17.00 3.65 0.97
CA LEU A 257 16.81 4.52 2.13
C LEU A 257 17.40 5.92 1.91
N ASN A 258 18.01 6.15 0.75
CA ASN A 258 18.65 7.42 0.44
C ASN A 258 17.66 8.59 0.32
N HIS A 259 18.20 9.80 0.45
CA HIS A 259 17.41 11.04 0.41
C HIS A 259 16.39 11.15 1.52
N ASN A 260 16.80 10.72 2.71
CA ASN A 260 16.06 10.99 3.94
C ASN A 260 17.02 11.68 4.90
N PRO A 261 16.52 12.62 5.73
CA PRO A 261 17.37 13.31 6.69
C PRO A 261 17.72 12.43 7.88
N TRP A 262 18.56 11.42 7.65
CA TRP A 262 18.86 10.43 8.70
C TRP A 262 19.56 11.05 9.87
N HIS A 263 18.93 10.97 11.04
CA HIS A 263 19.57 11.29 12.31
C HIS A 263 20.36 10.11 12.78
N CYS A 264 21.67 10.28 12.95
CA CYS A 264 22.53 9.19 13.36
C CYS A 264 22.85 9.27 14.84
N ASN A 265 21.89 8.83 15.65
CA ASN A 265 22.08 8.67 17.08
C ASN A 265 22.14 7.17 17.40
N CYS A 266 21.96 6.78 18.66
CA CYS A 266 21.95 5.38 19.03
C CYS A 266 20.85 4.59 18.31
N ASP A 267 19.76 5.28 17.96
CA ASP A 267 18.62 4.64 17.32
C ASP A 267 18.87 4.11 15.90
N VAL A 268 19.98 4.53 15.28
CA VAL A 268 20.32 4.12 13.93
C VAL A 268 21.21 2.86 13.89
N LEU A 269 21.77 2.47 15.04
CA LEU A 269 22.75 1.38 15.06
C LEU A 269 22.18 0.03 14.63
N TRP A 270 20.91 -0.23 14.91
CA TRP A 270 20.28 -1.47 14.47
C TRP A 270 20.19 -1.46 12.97
N LEU A 271 19.95 -0.29 12.40
CA LEU A 271 19.83 -0.15 10.95
C LEU A 271 21.20 -0.27 10.31
N SER A 272 22.20 0.40 10.87
CA SER A 272 23.55 0.30 10.34
C SER A 272 24.05 -1.16 10.40
N TRP A 273 23.70 -1.85 11.48
CA TRP A 273 24.05 -3.26 11.62
C TRP A 273 23.30 -4.11 10.61
N TRP A 274 22.02 -3.84 10.44
CA TRP A 274 21.21 -4.55 9.46
C TRP A 274 21.76 -4.31 8.07
N LEU A 275 22.05 -3.06 7.74
CA LEU A 275 22.67 -2.74 6.45
C LEU A 275 23.98 -3.50 6.30
N LYS A 276 24.86 -3.31 7.27
CA LYS A 276 26.16 -4.01 7.31
C LYS A 276 25.99 -5.52 7.13
N GLU A 277 25.01 -6.10 7.81
CA GLU A 277 24.68 -7.51 7.62
C GLU A 277 23.97 -7.70 6.28
N THR A 278 22.67 -7.42 6.22
CA THR A 278 21.84 -7.71 5.03
C THR A 278 22.47 -7.31 3.68
N VAL A 279 22.89 -6.05 3.54
CA VAL A 279 23.52 -5.55 2.31
C VAL A 279 22.66 -5.87 1.06
N PRO A 280 21.61 -5.05 0.82
CA PRO A 280 20.79 -5.15 -0.40
C PRO A 280 21.60 -5.12 -1.71
N SER A 281 22.62 -4.26 -1.76
CA SER A 281 23.48 -4.07 -2.95
C SER A 281 22.68 -4.04 -4.27
N CYS A 286 23.55 2.87 0.67
CA CYS A 286 24.08 4.20 0.36
C CYS A 286 23.38 5.35 1.11
N ALA A 287 22.66 5.02 2.19
CA ALA A 287 22.03 6.02 3.04
C ALA A 287 23.10 6.72 3.89
N ARG A 288 23.11 8.06 3.87
CA ARG A 288 24.12 8.84 4.59
C ARG A 288 23.50 9.62 5.75
N CYS A 289 24.30 9.83 6.80
CA CYS A 289 23.89 10.64 7.95
C CYS A 289 23.71 12.08 7.51
N HIS A 290 22.54 12.65 7.82
CA HIS A 290 22.35 14.09 7.64
C HIS A 290 22.62 14.84 8.90
N ALA A 291 22.48 14.16 10.05
CA ALA A 291 22.76 14.75 11.36
C ALA A 291 23.24 13.68 12.34
N PRO A 292 23.98 14.09 13.38
CA PRO A 292 24.44 15.43 13.68
C PRO A 292 25.62 15.86 12.80
N ALA A 293 26.04 17.12 12.95
CA ALA A 293 27.11 17.70 12.15
C ALA A 293 28.39 16.88 12.19
N GLY A 294 28.68 16.30 13.35
CA GLY A 294 29.87 15.47 13.52
C GLY A 294 29.98 14.31 12.55
N LEU A 295 28.83 13.75 12.17
CA LEU A 295 28.79 12.57 11.31
C LEU A 295 28.11 12.84 9.96
N LYS A 296 27.95 14.10 9.58
CA LYS A 296 27.20 14.42 8.36
C LYS A 296 27.93 13.93 7.12
N GLY A 297 27.20 13.18 6.30
CA GLY A 297 27.75 12.63 5.05
C GLY A 297 28.53 11.34 5.24
N ARG A 298 28.41 10.73 6.42
CA ARG A 298 28.99 9.44 6.68
C ARG A 298 27.95 8.42 6.25
N TYR A 299 28.39 7.29 5.69
CA TYR A 299 27.47 6.23 5.33
C TYR A 299 26.97 5.55 6.59
N ILE A 300 25.67 5.30 6.64
CA ILE A 300 25.04 4.69 7.80
C ILE A 300 25.57 3.28 8.06
N GLY A 301 25.71 2.48 7.01
CA GLY A 301 26.20 1.12 7.13
C GLY A 301 27.68 0.95 7.44
N GLU A 302 28.41 2.04 7.61
CA GLU A 302 29.83 1.97 7.97
C GLU A 302 30.13 2.49 9.38
N LEU A 303 29.07 2.77 10.15
CA LEU A 303 29.22 3.33 11.49
C LEU A 303 29.57 2.24 12.49
N ASP A 304 30.74 2.34 13.10
CA ASP A 304 31.07 1.50 14.25
C ASP A 304 30.47 2.12 15.49
N GLN A 305 30.34 1.33 16.55
CA GLN A 305 29.61 1.73 17.74
C GLN A 305 30.39 2.70 18.65
N SER A 306 31.68 2.90 18.38
CA SER A 306 32.55 3.68 19.27
C SER A 306 32.18 5.16 19.36
N HIS A 307 31.61 5.71 18.30
CA HIS A 307 31.21 7.12 18.30
C HIS A 307 30.06 7.43 19.23
N PHE A 308 29.30 6.41 19.62
CA PHE A 308 28.08 6.60 20.39
C PHE A 308 28.24 6.14 21.83
N THR A 309 27.47 6.79 22.71
CA THR A 309 27.29 6.30 24.07
C THR A 309 25.81 5.94 24.24
N CYS A 310 25.53 4.65 24.39
CA CYS A 310 24.15 4.16 24.44
C CYS A 310 23.93 3.27 25.66
N TYR A 311 22.73 3.36 26.22
CA TYR A 311 22.35 2.58 27.38
C TYR A 311 20.98 1.93 27.16
N ALA A 312 20.52 1.15 28.14
CA ALA A 312 19.22 0.49 28.05
C ALA A 312 18.09 1.51 27.85
N PRO A 313 16.93 1.05 27.35
CA PRO A 313 15.81 1.95 27.15
C PRO A 313 15.15 2.36 28.47
N VAL A 314 14.67 3.60 28.54
CA VAL A 314 14.05 4.14 29.76
C VAL A 314 12.53 4.22 29.61
N ILE A 315 11.81 3.51 30.48
CA ILE A 315 10.35 3.59 30.50
C ILE A 315 9.96 4.83 31.30
N VAL A 316 9.72 5.93 30.58
CA VAL A 316 9.34 7.20 31.20
C VAL A 316 8.03 7.08 31.99
N GLU A 317 7.09 6.33 31.43
CA GLU A 317 5.77 6.13 32.04
C GLU A 317 5.47 4.63 32.14
N PRO A 318 5.98 3.97 33.20
CA PRO A 318 5.69 2.55 33.39
C PRO A 318 4.24 2.30 33.78
N PRO A 319 3.78 1.04 33.66
CA PRO A 319 2.39 0.71 33.98
C PRO A 319 2.14 0.62 35.48
N THR A 320 1.05 1.22 35.94
CA THR A 320 0.62 1.11 37.33
C THR A 320 -0.52 0.10 37.43
N ASP A 321 -0.76 -0.42 38.63
CA ASP A 321 -1.78 -1.44 38.85
C ASP A 321 -3.19 -0.86 38.70
N LEU A 322 -4.11 -1.66 38.18
CA LEU A 322 -5.50 -1.23 37.97
C LEU A 322 -6.51 -2.23 38.52
N ASN A 323 -7.45 -1.74 39.31
CA ASN A 323 -8.65 -2.48 39.69
C ASN A 323 -9.78 -2.03 38.77
N VAL A 324 -10.37 -2.96 38.03
CA VAL A 324 -11.34 -2.60 37.00
C VAL A 324 -12.63 -3.40 37.09
N THR A 325 -13.69 -2.83 36.51
CA THR A 325 -14.99 -3.48 36.42
C THR A 325 -15.05 -4.31 35.15
N GLU A 326 -15.83 -5.39 35.17
CA GLU A 326 -16.03 -6.22 33.99
C GLU A 326 -17.02 -5.54 33.03
N GLY A 327 -16.51 -5.03 31.92
CA GLY A 327 -17.33 -4.30 30.95
C GLY A 327 -16.71 -2.99 30.52
N MET A 328 -16.12 -2.27 31.47
CA MET A 328 -15.52 -0.95 31.22
C MET A 328 -14.17 -1.09 30.52
N ALA A 329 -13.64 0.05 30.05
CA ALA A 329 -12.35 0.07 29.34
C ALA A 329 -11.18 -0.07 30.31
N ALA A 330 -9.99 -0.34 29.77
CA ALA A 330 -8.79 -0.53 30.59
C ALA A 330 -7.51 -0.15 29.84
N GLU A 331 -6.43 0.06 30.58
CA GLU A 331 -5.18 0.59 30.03
C GLU A 331 -4.01 0.34 30.97
N LEU A 332 -2.88 -0.08 30.39
CA LEU A 332 -1.61 -0.16 31.11
C LEU A 332 -0.54 0.55 30.28
N LYS A 333 -0.09 1.70 30.77
CA LYS A 333 0.83 2.57 30.03
C LYS A 333 2.23 1.96 29.90
N CYS A 334 2.89 2.31 28.81
CA CYS A 334 4.33 2.05 28.67
C CYS A 334 4.93 3.03 27.67
N ARG A 335 5.16 4.25 28.15
CA ARG A 335 5.80 5.30 27.35
C ARG A 335 7.31 5.19 27.58
N THR A 336 8.08 5.54 26.56
CA THR A 336 9.51 5.27 26.59
C THR A 336 10.35 6.38 25.98
N GLY A 337 11.64 6.36 26.33
CA GLY A 337 12.65 7.10 25.60
C GLY A 337 13.55 6.06 24.93
N THR A 338 13.61 6.02 23.61
CA THR A 338 12.91 6.92 22.69
C THR A 338 11.54 6.34 22.28
N SER A 339 10.94 6.88 21.22
CA SER A 339 9.73 6.31 20.62
C SER A 339 10.07 5.22 19.59
N MET A 340 11.33 5.18 19.17
CA MET A 340 11.81 4.18 18.22
C MET A 340 12.15 2.85 18.89
N THR A 341 12.26 2.84 20.22
CA THR A 341 12.58 1.61 20.95
C THR A 341 11.44 0.61 20.84
N SER A 342 11.78 -0.65 20.56
CA SER A 342 10.80 -1.70 20.34
C SER A 342 10.16 -2.12 21.65
N VAL A 343 8.87 -2.44 21.59
CA VAL A 343 8.08 -2.79 22.78
C VAL A 343 7.35 -4.10 22.55
N ASN A 344 7.63 -5.09 23.42
CA ASN A 344 6.89 -6.34 23.45
C ASN A 344 6.22 -6.51 24.80
N TRP A 345 4.91 -6.79 24.79
CA TRP A 345 4.17 -7.04 26.03
C TRP A 345 4.15 -8.51 26.33
N LEU A 346 3.79 -8.84 27.57
CA LEU A 346 3.68 -10.24 28.01
C LEU A 346 2.49 -10.41 28.95
N THR A 347 1.53 -11.23 28.54
CA THR A 347 0.32 -11.48 29.32
C THR A 347 0.61 -12.45 30.46
N PRO A 348 -0.34 -12.62 31.39
CA PRO A 348 -0.23 -13.70 32.36
C PRO A 348 -0.30 -15.09 31.71
N ASN A 349 -0.91 -15.18 30.53
CA ASN A 349 -0.96 -16.43 29.75
C ASN A 349 0.45 -16.92 29.41
N GLY A 350 1.33 -15.98 29.13
CA GLY A 350 2.62 -16.27 28.52
C GLY A 350 2.65 -15.85 27.06
N THR A 351 1.57 -15.23 26.61
CA THR A 351 1.44 -14.77 25.23
C THR A 351 2.11 -13.41 25.07
N LEU A 352 3.01 -13.32 24.10
CA LEU A 352 3.69 -12.05 23.78
C LEU A 352 2.83 -11.22 22.83
N MET A 353 3.00 -9.91 22.87
CA MET A 353 2.22 -9.01 22.01
C MET A 353 3.04 -7.83 21.51
N THR A 354 2.56 -7.24 20.42
CA THR A 354 3.28 -6.19 19.72
C THR A 354 2.30 -5.30 18.95
N HIS A 355 2.73 -4.10 18.61
CA HIS A 355 1.89 -3.16 17.84
C HIS A 355 1.53 -3.71 16.48
N GLY A 356 2.33 -4.62 15.97
CA GLY A 356 2.03 -5.30 14.72
C GLY A 356 0.89 -6.30 14.81
N SER A 357 0.62 -6.80 16.02
CA SER A 357 -0.36 -7.87 16.21
C SER A 357 -1.75 -7.47 15.77
N TYR A 358 -2.53 -8.46 15.35
CA TYR A 358 -3.86 -8.23 14.76
C TYR A 358 -4.94 -8.85 15.63
N ARG A 359 -4.74 -8.80 16.94
CA ARG A 359 -5.69 -9.37 17.90
C ARG A 359 -6.82 -8.39 18.18
N VAL A 360 -8.04 -8.91 18.26
CA VAL A 360 -9.22 -8.10 18.59
C VAL A 360 -9.19 -7.72 20.07
N ARG A 361 -10.00 -6.74 20.44
CA ARG A 361 -10.11 -6.28 21.83
C ARG A 361 -8.78 -5.74 22.38
N ILE A 362 -7.90 -6.65 22.81
CA ILE A 362 -6.60 -6.26 23.36
C ILE A 362 -5.61 -5.95 22.25
N SER A 363 -4.94 -4.81 22.33
CA SER A 363 -3.97 -4.40 21.32
C SER A 363 -3.00 -3.34 21.84
N VAL A 364 -1.76 -3.40 21.35
CA VAL A 364 -0.72 -2.48 21.75
C VAL A 364 -0.72 -1.24 20.83
N LEU A 365 -1.21 -0.12 21.35
CA LEU A 365 -1.24 1.14 20.58
C LEU A 365 0.18 1.61 20.29
N HIS A 366 0.32 2.53 19.34
CA HIS A 366 1.63 3.02 18.91
C HIS A 366 2.44 3.62 20.03
N ASP A 367 1.73 4.21 21.01
CA ASP A 367 2.35 4.74 22.24
C ASP A 367 3.27 3.72 22.93
N GLY A 368 2.86 2.45 22.88
CA GLY A 368 3.49 1.39 23.66
C GLY A 368 2.53 0.88 24.73
N THR A 369 1.43 1.61 24.92
CA THR A 369 0.41 1.26 25.90
C THR A 369 -0.45 0.12 25.39
N LEU A 370 -0.85 -0.75 26.32
CA LEU A 370 -1.70 -1.90 26.00
C LEU A 370 -3.17 -1.52 26.22
N ASN A 371 -3.95 -1.58 25.14
CA ASN A 371 -5.36 -1.16 25.15
C ASN A 371 -6.31 -2.32 25.46
N PHE A 372 -7.47 -1.99 26.03
CA PHE A 372 -8.54 -2.97 26.30
C PHE A 372 -9.90 -2.39 25.90
N THR A 373 -10.85 -3.28 25.60
CA THR A 373 -12.23 -2.87 25.27
C THR A 373 -13.20 -4.02 25.53
N ASN A 374 -14.02 -3.88 26.57
CA ASN A 374 -14.91 -4.96 27.04
C ASN A 374 -14.08 -6.07 27.70
N VAL A 375 -13.29 -5.68 28.69
CA VAL A 375 -12.38 -6.60 29.40
C VAL A 375 -13.15 -7.52 30.37
N THR A 376 -12.62 -8.73 30.58
CA THR A 376 -13.20 -9.69 31.52
C THR A 376 -12.36 -9.79 32.79
N VAL A 377 -12.93 -10.38 33.84
CA VAL A 377 -12.22 -10.60 35.11
C VAL A 377 -11.17 -11.71 34.94
N GLN A 378 -11.39 -12.63 34.00
CA GLN A 378 -10.45 -13.72 33.74
C GLN A 378 -9.15 -13.27 33.06
N ASP A 379 -9.09 -11.99 32.66
CA ASP A 379 -7.85 -11.38 32.21
C ASP A 379 -6.95 -10.93 33.37
N THR A 380 -7.39 -11.19 34.60
CA THR A 380 -6.61 -10.84 35.79
C THR A 380 -5.28 -11.59 35.81
N GLY A 381 -4.21 -10.88 36.20
CA GLY A 381 -2.87 -11.44 36.25
C GLY A 381 -1.81 -10.37 36.06
N GLN A 382 -0.54 -10.78 36.11
CA GLN A 382 0.57 -9.84 35.95
C GLN A 382 0.88 -9.65 34.47
N TYR A 383 0.98 -8.39 34.07
CA TYR A 383 1.40 -8.03 32.72
C TYR A 383 2.77 -7.37 32.80
N THR A 384 3.59 -7.57 31.77
CA THR A 384 4.95 -7.02 31.75
C THR A 384 5.25 -6.36 30.42
N CYS A 385 5.75 -5.12 30.49
CA CYS A 385 6.24 -4.40 29.32
C CYS A 385 7.70 -4.77 29.14
N MET A 386 8.08 -5.22 27.94
CA MET A 386 9.46 -5.58 27.63
C MET A 386 10.00 -4.71 26.49
N VAL A 387 10.83 -3.74 26.84
CA VAL A 387 11.34 -2.75 25.90
C VAL A 387 12.81 -3.03 25.56
N THR A 388 13.15 -2.93 24.28
CA THR A 388 14.51 -3.22 23.81
C THR A 388 14.97 -2.18 22.80
N ASN A 389 16.24 -1.80 22.90
CA ASN A 389 16.88 -0.93 21.90
C ASN A 389 18.24 -1.52 21.47
N SER A 390 19.07 -0.72 20.82
CA SER A 390 20.39 -1.19 20.35
C SER A 390 21.35 -1.57 21.49
N ALA A 391 21.11 -1.05 22.69
CA ALA A 391 22.03 -1.21 23.83
C ALA A 391 21.65 -2.31 24.82
N GLY A 392 20.37 -2.64 24.92
CA GLY A 392 19.94 -3.70 25.85
C GLY A 392 18.45 -3.80 26.09
N ASN A 393 18.08 -4.58 27.10
CA ASN A 393 16.69 -4.83 27.48
C ASN A 393 16.34 -4.14 28.79
N THR A 394 15.07 -3.74 28.93
CA THR A 394 14.55 -3.19 30.19
C THR A 394 13.06 -3.50 30.29
N THR A 395 12.62 -3.94 31.47
CA THR A 395 11.22 -4.32 31.67
C THR A 395 10.61 -3.72 32.95
N ALA A 396 9.30 -3.48 32.89
CA ALA A 396 8.52 -3.02 34.03
C ALA A 396 7.18 -3.75 34.01
N SER A 397 6.73 -4.20 35.18
CA SER A 397 5.55 -5.07 35.28
C SER A 397 4.60 -4.68 36.41
N ALA A 398 3.30 -4.79 36.14
CA ALA A 398 2.25 -4.46 37.12
C ALA A 398 0.96 -5.20 36.79
N THR A 399 0.28 -5.73 37.82
CA THR A 399 -0.91 -6.58 37.62
C THR A 399 -2.20 -5.78 37.49
N LEU A 400 -3.17 -6.36 36.79
CA LEU A 400 -4.50 -5.76 36.62
C LEU A 400 -5.57 -6.71 37.13
N ASN A 401 -6.63 -6.14 37.71
CA ASN A 401 -7.76 -6.90 38.23
C ASN A 401 -9.07 -6.48 37.57
#